data_4UGF
#
_entry.id   4UGF
#
_cell.length_a   80.163
_cell.length_b   96.057
_cell.length_c   63.093
_cell.angle_alpha   90.00
_cell.angle_beta   90.00
_cell.angle_gamma   90.00
#
_symmetry.space_group_name_H-M   'P 21 21 2'
#
loop_
_entity.id
_entity.type
_entity.pdbx_description
1 polymer 'NITRIC OXIDE SYNTHASE OXYGENASE'
2 non-polymer 'PROTOPORPHYRIN IX CONTAINING FE'
3 non-polymer 5,6,7,8-TETRAHYDROBIOPTERIN
4 non-polymer 'CHLORIDE ION'
5 non-polymer '6-((((3S, 5R)-5-(((6-amino-4-methylpyridin-2-yl)methoxy)methyl)pyrrolidin-3-yl)oxy)methyl)-4-methylpyridin-2-amine'
6 non-polymer GLYCEROL
7 non-polymer N-PROPANOL
8 water water
#
_entity_poly.entity_id   1
_entity_poly.type   'polypeptide(L)'
_entity_poly.pdbx_seq_one_letter_code
;MEEKEILWNEAKAFIAACYQELGKAAEVKDRLADIKSEIDLTGSYVHTKEELEHGAKMAWRNSNRCIGRLFWNSLNVIDR
RDVRTKEEVRDALFHHIETATNNGKIRPTITIFPPEEKGEKQVEIWNHQLIRYAGYESDGERIGDPASCSLTAACEELGW
RGERTDFDLLPLIFRMKGDEQPVWYELPRSLVIEVPITHPDIEAFSDLELKWYGVPIISDMKLEVGGIHYNAAPFNGWYM
GTEIGARNLADEKRYDKLKKVASVIGIAADYNTDLWKDQALVELNKAVLHSYKKQGVSIVDHHTAASQFKRFEEQAEEAG
RKLTGDWTWLIPPISPAATHIFHRSYDNSIVKPNYFYQDKPYE
;
_entity_poly.pdbx_strand_id   A
#
loop_
_chem_comp.id
_chem_comp.type
_chem_comp.name
_chem_comp.formula
CL non-polymer 'CHLORIDE ION' 'Cl -1'
GOL non-polymer GLYCEROL 'C3 H8 O3'
H4B non-polymer 5,6,7,8-TETRAHYDROBIOPTERIN 'C9 H15 N5 O3'
HEM non-polymer 'PROTOPORPHYRIN IX CONTAINING FE' 'C34 H32 Fe N4 O4'
POL non-polymer N-PROPANOL 'C3 H8 O'
Q16 non-polymer '6-((((3S, 5R)-5-(((6-amino-4-methylpyridin-2-yl)methoxy)methyl)pyrrolidin-3-yl)oxy)methyl)-4-methylpyridin-2-amine' 'C19 H27 N5 O2'
#
# COMPACT_ATOMS: atom_id res chain seq x y z
N GLU A 2 -11.82 -7.40 -29.68
CA GLU A 2 -12.22 -6.47 -28.62
C GLU A 2 -11.06 -6.05 -27.71
N GLU A 3 -10.31 -7.05 -27.22
CA GLU A 3 -9.14 -6.83 -26.36
C GLU A 3 -8.14 -5.80 -26.92
N LYS A 4 -7.74 -5.99 -28.19
CA LYS A 4 -6.79 -5.13 -28.88
C LYS A 4 -7.34 -3.71 -29.03
N GLU A 5 -8.65 -3.63 -29.20
CA GLU A 5 -9.33 -2.35 -29.36
C GLU A 5 -9.43 -1.60 -28.02
N ILE A 6 -9.68 -2.35 -26.94
CA ILE A 6 -9.67 -1.74 -25.60
C ILE A 6 -8.25 -1.24 -25.34
N LEU A 7 -7.26 -2.04 -25.75
CA LEU A 7 -5.87 -1.68 -25.50
C LEU A 7 -5.50 -0.41 -26.24
N TRP A 8 -5.79 -0.39 -27.53
CA TRP A 8 -5.47 0.74 -28.39
C TRP A 8 -6.17 2.01 -27.92
N ASN A 9 -7.42 1.90 -27.48
CA ASN A 9 -8.14 3.07 -27.00
C ASN A 9 -7.50 3.61 -25.72
N GLU A 10 -7.16 2.71 -24.78
CA GLU A 10 -6.51 3.14 -23.54
C GLU A 10 -5.13 3.75 -23.82
N ALA A 11 -4.43 3.18 -24.80
CA ALA A 11 -3.11 3.70 -25.20
C ALA A 11 -3.22 5.15 -25.68
N LYS A 12 -4.14 5.37 -26.62
CA LYS A 12 -4.43 6.69 -27.15
C LYS A 12 -4.70 7.71 -26.05
N ALA A 13 -5.59 7.37 -25.12
CA ALA A 13 -5.96 8.29 -24.05
C ALA A 13 -4.76 8.59 -23.14
N PHE A 14 -4.00 7.55 -22.80
CA PHE A 14 -2.88 7.71 -21.88
C PHE A 14 -1.70 8.49 -22.47
N ILE A 15 -1.35 8.20 -23.72
CA ILE A 15 -0.19 8.86 -24.34
C ILE A 15 -0.45 10.36 -24.52
N ALA A 16 -1.67 10.70 -24.93
CA ALA A 16 -2.05 12.10 -25.09
C ALA A 16 -1.92 12.85 -23.77
N ALA A 17 -2.57 12.34 -22.72
CA ALA A 17 -2.55 13.01 -21.43
C ALA A 17 -1.12 13.04 -20.87
N CYS A 18 -0.44 11.90 -20.90
CA CYS A 18 0.94 11.79 -20.38
C CYS A 18 1.89 12.80 -21.03
N TYR A 19 1.89 12.84 -22.37
CA TYR A 19 2.80 13.70 -23.11
C TYR A 19 2.42 15.18 -22.96
N GLN A 20 1.12 15.46 -22.88
CA GLN A 20 0.65 16.81 -22.60
C GLN A 20 1.30 17.29 -21.31
N GLU A 21 1.17 16.47 -20.27
CA GLU A 21 1.74 16.79 -18.96
C GLU A 21 3.26 16.96 -18.98
N LEU A 22 3.94 16.26 -19.88
CA LEU A 22 5.40 16.30 -19.92
C LEU A 22 5.90 17.31 -20.95
N GLY A 23 5.00 18.15 -21.47
CA GLY A 23 5.34 19.11 -22.51
C GLY A 23 5.76 18.50 -23.83
N LYS A 24 5.44 17.22 -24.03
CA LYS A 24 5.84 16.50 -25.24
C LYS A 24 4.69 16.28 -26.21
N ALA A 25 3.70 17.17 -26.20
CA ALA A 25 2.50 17.01 -27.03
C ALA A 25 2.80 16.82 -28.52
N ALA A 26 3.90 17.38 -29.01
CA ALA A 26 4.22 17.27 -30.44
C ALA A 26 4.60 15.84 -30.83
N GLU A 27 5.06 15.05 -29.85
CA GLU A 27 5.57 13.71 -30.12
C GLU A 27 4.48 12.65 -30.08
N VAL A 28 3.27 13.06 -29.69
CA VAL A 28 2.15 12.15 -29.55
C VAL A 28 1.80 11.41 -30.83
N LYS A 29 1.73 12.15 -31.94
CA LYS A 29 1.34 11.59 -33.24
C LYS A 29 2.16 10.37 -33.66
N ASP A 30 3.48 10.53 -33.69
CA ASP A 30 4.37 9.45 -34.12
C ASP A 30 4.46 8.32 -33.10
N ARG A 31 4.38 8.66 -31.81
CA ARG A 31 4.43 7.65 -30.77
C ARG A 31 3.20 6.74 -30.90
N LEU A 32 2.05 7.33 -31.17
CA LEU A 32 0.80 6.60 -31.34
C LEU A 32 0.87 5.67 -32.54
N ALA A 33 1.36 6.21 -33.66
CA ALA A 33 1.57 5.42 -34.86
C ALA A 33 2.48 4.24 -34.57
N ASP A 34 3.54 4.48 -33.78
CA ASP A 34 4.49 3.43 -33.44
C ASP A 34 3.81 2.34 -32.64
N ILE A 35 2.95 2.76 -31.71
CA ILE A 35 2.21 1.86 -30.83
C ILE A 35 1.21 1.01 -31.62
N LYS A 36 0.42 1.67 -32.47
CA LYS A 36 -0.56 1.00 -33.33
C LYS A 36 0.08 -0.15 -34.13
N SER A 37 1.23 0.13 -34.75
CA SER A 37 1.95 -0.92 -35.49
C SER A 37 2.36 -2.04 -34.55
N GLU A 38 2.82 -1.67 -33.36
CA GLU A 38 3.35 -2.64 -32.42
C GLU A 38 2.26 -3.57 -31.91
N ILE A 39 1.06 -3.03 -31.73
CA ILE A 39 -0.08 -3.84 -31.31
C ILE A 39 -0.51 -4.79 -32.44
N ASP A 40 -0.51 -4.28 -33.67
CA ASP A 40 -0.83 -5.09 -34.85
C ASP A 40 0.10 -6.32 -34.95
N LEU A 41 1.38 -6.13 -34.68
CA LEU A 41 2.39 -7.18 -34.80
C LEU A 41 2.43 -8.13 -33.60
N THR A 42 2.43 -7.55 -32.40
CA THR A 42 2.79 -8.28 -31.18
C THR A 42 1.62 -8.52 -30.23
N GLY A 43 0.51 -7.84 -30.47
CA GLY A 43 -0.64 -7.96 -29.59
C GLY A 43 -0.57 -7.04 -28.38
N SER A 44 0.50 -6.28 -28.27
CA SER A 44 0.67 -5.36 -27.14
C SER A 44 1.71 -4.29 -27.46
N TYR A 45 2.08 -3.50 -26.45
CA TYR A 45 3.13 -2.49 -26.64
C TYR A 45 3.93 -2.23 -25.36
N VAL A 46 5.15 -1.74 -25.55
CA VAL A 46 6.07 -1.54 -24.43
C VAL A 46 6.16 -0.05 -24.12
N HIS A 47 6.04 0.29 -22.84
CA HIS A 47 6.16 1.69 -22.40
C HIS A 47 7.62 2.14 -22.41
N THR A 48 7.86 3.41 -22.73
CA THR A 48 9.18 3.98 -22.51
C THR A 48 9.36 4.11 -21.00
N LYS A 49 10.61 4.24 -20.55
CA LYS A 49 10.91 4.48 -19.13
C LYS A 49 10.12 5.68 -18.59
N GLU A 50 10.05 6.72 -19.41
CA GLU A 50 9.37 7.96 -19.05
C GLU A 50 7.87 7.78 -18.93
N GLU A 51 7.27 7.04 -19.88
CA GLU A 51 5.83 6.77 -19.80
C GLU A 51 5.49 5.97 -18.56
N LEU A 52 6.34 5.00 -18.24
CA LEU A 52 6.08 4.09 -17.13
C LEU A 52 6.15 4.84 -15.82
N GLU A 53 7.21 5.63 -15.67
CA GLU A 53 7.39 6.42 -14.45
C GLU A 53 6.23 7.40 -14.24
N HIS A 54 5.90 8.16 -15.28
CA HIS A 54 4.81 9.13 -15.15
C HIS A 54 3.46 8.45 -14.95
N GLY A 55 3.26 7.29 -15.59
CA GLY A 55 2.03 6.51 -15.42
C GLY A 55 1.81 6.06 -13.99
N ALA A 56 2.86 5.57 -13.35
CA ALA A 56 2.80 5.14 -11.95
C ALA A 56 2.42 6.33 -11.07
N LYS A 57 2.99 7.48 -11.39
CA LYS A 57 2.68 8.69 -10.64
C LYS A 57 1.26 9.12 -10.87
N MET A 58 0.78 9.07 -12.12
CA MET A 58 -0.63 9.44 -12.38
C MET A 58 -1.56 8.53 -11.62
N ALA A 59 -1.19 7.26 -11.57
CA ALA A 59 -1.99 6.24 -10.91
C ALA A 59 -2.18 6.58 -9.42
N TRP A 60 -1.10 7.02 -8.78
CA TRP A 60 -1.17 7.41 -7.38
C TRP A 60 -2.07 8.63 -7.28
N ARG A 61 -1.87 9.57 -8.21
CA ARG A 61 -2.63 10.82 -8.21
C ARG A 61 -4.12 10.55 -8.36
N ASN A 62 -4.47 9.46 -9.05
CA ASN A 62 -5.89 9.13 -9.28
C ASN A 62 -6.50 8.21 -8.22
N SER A 63 -5.74 7.86 -7.19
CA SER A 63 -6.20 6.89 -6.18
C SER A 63 -7.16 7.57 -5.22
N ASN A 64 -8.44 7.41 -5.51
CA ASN A 64 -9.52 8.11 -4.78
C ASN A 64 -9.48 7.91 -3.27
N ARG A 65 -9.01 6.75 -2.84
CA ARG A 65 -9.03 6.45 -1.40
C ARG A 65 -7.83 6.95 -0.63
N CYS A 66 -6.85 7.56 -1.32
CA CYS A 66 -5.60 7.94 -0.68
C CYS A 66 -5.52 9.41 -0.24
N ILE A 67 -5.36 9.63 1.06
CA ILE A 67 -5.24 10.98 1.63
C ILE A 67 -3.84 11.55 1.39
N GLY A 68 -2.86 10.70 1.08
CA GLY A 68 -1.47 11.16 0.98
C GLY A 68 -1.02 11.62 -0.40
N ARG A 69 -1.97 11.91 -1.29
CA ARG A 69 -1.63 12.11 -2.71
C ARG A 69 -0.82 13.37 -3.06
N LEU A 70 -0.65 14.27 -2.09
CA LEU A 70 0.06 15.54 -2.35
C LEU A 70 1.40 15.28 -2.99
N PHE A 71 2.03 14.18 -2.58
CA PHE A 71 3.42 13.90 -2.96
C PHE A 71 3.56 12.98 -4.18
N TRP A 72 2.46 12.83 -4.92
CA TRP A 72 2.40 11.96 -6.11
C TRP A 72 3.60 12.10 -7.06
N ASN A 73 4.01 13.34 -7.31
CA ASN A 73 5.03 13.59 -8.33
C ASN A 73 6.45 13.23 -7.89
N SER A 74 6.62 12.85 -6.63
CA SER A 74 7.97 12.49 -6.18
C SER A 74 8.11 11.00 -5.90
N LEU A 75 7.10 10.23 -6.33
CA LEU A 75 7.18 8.76 -6.31
C LEU A 75 8.51 8.30 -6.94
N ASN A 76 9.24 7.43 -6.25
CA ASN A 76 10.47 6.83 -6.78
C ASN A 76 10.11 5.54 -7.53
N VAL A 77 10.26 5.54 -8.85
CA VAL A 77 9.80 4.42 -9.68
C VAL A 77 10.95 3.51 -10.10
N ILE A 78 10.91 2.24 -9.70
CA ILE A 78 11.97 1.30 -10.08
C ILE A 78 11.49 0.35 -11.18
N ASP A 79 12.14 0.43 -12.34
CA ASP A 79 11.69 -0.33 -13.51
C ASP A 79 12.32 -1.73 -13.52
N ARG A 80 11.56 -2.75 -13.12
CA ARG A 80 12.12 -4.12 -13.14
C ARG A 80 11.44 -5.05 -14.16
N ARG A 81 11.10 -4.50 -15.32
CA ARG A 81 10.49 -5.29 -16.40
C ARG A 81 11.47 -6.29 -16.99
N ASP A 82 12.73 -6.15 -16.58
CA ASP A 82 13.81 -7.02 -17.06
C ASP A 82 13.89 -8.36 -16.32
N VAL A 83 13.20 -8.52 -15.19
CA VAL A 83 13.39 -9.74 -14.39
C VAL A 83 12.82 -10.99 -15.05
N ARG A 84 13.52 -12.11 -14.91
CA ARG A 84 13.08 -13.35 -15.54
C ARG A 84 13.13 -14.52 -14.57
N THR A 85 13.89 -14.39 -13.49
CA THR A 85 14.09 -15.51 -12.58
C THR A 85 13.56 -15.21 -11.19
N LYS A 86 13.28 -16.25 -10.42
CA LYS A 86 12.71 -16.04 -9.09
C LYS A 86 13.75 -15.42 -8.16
N GLU A 87 15.01 -15.74 -8.39
CA GLU A 87 16.08 -15.10 -7.62
C GLU A 87 16.08 -13.58 -7.87
N GLU A 88 15.89 -13.18 -9.13
CA GLU A 88 15.81 -11.75 -9.45
C GLU A 88 14.54 -11.12 -8.85
N VAL A 89 13.45 -11.86 -8.83
CA VAL A 89 12.26 -11.31 -8.18
C VAL A 89 12.51 -11.09 -6.68
N ARG A 90 13.00 -12.15 -6.02
CA ARG A 90 13.30 -12.08 -4.59
C ARG A 90 14.23 -10.91 -4.25
N ASP A 91 15.32 -10.80 -5.00
CA ASP A 91 16.30 -9.75 -4.77
C ASP A 91 15.71 -8.36 -4.98
N ALA A 92 14.83 -8.22 -5.96
CA ALA A 92 14.13 -6.95 -6.21
C ALA A 92 13.20 -6.55 -5.07
N LEU A 93 12.57 -7.55 -4.47
CA LEU A 93 11.67 -7.27 -3.34
C LEU A 93 12.50 -6.91 -2.10
N PHE A 94 13.63 -7.59 -1.91
CA PHE A 94 14.54 -7.25 -0.82
C PHE A 94 15.03 -5.83 -1.01
N HIS A 95 15.39 -5.48 -2.24
CA HIS A 95 15.89 -4.14 -2.54
C HIS A 95 14.84 -3.07 -2.29
N HIS A 96 13.61 -3.32 -2.74
CA HIS A 96 12.52 -2.38 -2.49
C HIS A 96 12.38 -2.10 -0.99
N ILE A 97 12.32 -3.17 -0.19
CA ILE A 97 12.27 -2.98 1.26
C ILE A 97 13.43 -2.08 1.76
N GLU A 98 14.66 -2.36 1.33
CA GLU A 98 15.80 -1.62 1.86
C GLU A 98 15.76 -0.13 1.45
N THR A 99 15.46 0.13 0.17
CA THR A 99 15.57 1.50 -0.32
C THR A 99 14.38 2.33 0.10
N ALA A 100 13.21 1.70 0.20
CA ALA A 100 12.01 2.40 0.68
C ALA A 100 12.13 2.75 2.17
N THR A 101 12.70 1.83 2.94
CA THR A 101 12.89 2.04 4.38
C THR A 101 13.90 3.18 4.63
N ASN A 102 15.04 3.14 3.93
CA ASN A 102 15.99 4.25 3.95
C ASN A 102 16.36 4.65 5.38
N ASN A 103 16.68 3.65 6.20
CA ASN A 103 17.02 3.86 7.61
C ASN A 103 15.94 4.62 8.39
N GLY A 104 14.69 4.54 7.93
CA GLY A 104 13.58 5.13 8.67
C GLY A 104 13.05 6.41 8.02
N LYS A 105 13.83 7.01 7.13
CA LYS A 105 13.34 8.18 6.38
C LYS A 105 12.70 7.70 5.09
N ILE A 106 11.48 7.19 5.24
CA ILE A 106 10.81 6.41 4.20
C ILE A 106 10.67 7.12 2.86
N ARG A 107 11.07 6.45 1.77
CA ARG A 107 10.91 6.92 0.39
C ARG A 107 9.71 6.21 -0.23
N PRO A 108 8.66 6.97 -0.61
CA PRO A 108 7.57 6.40 -1.40
C PRO A 108 8.11 5.83 -2.71
N THR A 109 7.90 4.52 -2.93
CA THR A 109 8.59 3.78 -3.99
C THR A 109 7.66 2.73 -4.57
N ILE A 110 7.80 2.47 -5.86
CA ILE A 110 7.14 1.34 -6.48
C ILE A 110 8.16 0.60 -7.34
N THR A 111 8.14 -0.74 -7.28
CA THR A 111 8.98 -1.57 -8.16
C THR A 111 8.01 -2.21 -9.14
N ILE A 112 8.26 -2.03 -10.43
CA ILE A 112 7.35 -2.54 -11.44
C ILE A 112 7.91 -3.76 -12.16
N PHE A 113 7.19 -4.90 -12.07
CA PHE A 113 7.66 -6.14 -12.72
C PHE A 113 7.02 -6.31 -14.11
N PRO A 114 7.50 -7.28 -14.93
CA PRO A 114 6.88 -7.46 -16.25
C PRO A 114 5.35 -7.56 -16.17
N PRO A 115 4.63 -6.99 -17.14
CA PRO A 115 3.16 -6.98 -17.05
C PRO A 115 2.52 -8.28 -17.57
N GLU A 116 1.22 -8.46 -17.32
CA GLU A 116 0.48 -9.59 -17.88
C GLU A 116 0.57 -9.58 -19.40
N GLU A 117 0.43 -10.75 -20.01
CA GLU A 117 0.34 -10.84 -21.47
C GLU A 117 -1.06 -11.21 -21.96
N LYS A 118 -1.40 -12.49 -22.02
CA LYS A 118 -2.76 -12.85 -22.45
C LYS A 118 -3.73 -12.77 -21.27
N GLY A 119 -3.47 -11.85 -20.36
CA GLY A 119 -4.05 -11.92 -19.03
C GLY A 119 -3.21 -12.89 -18.22
N GLU A 120 -2.12 -13.34 -18.83
CA GLU A 120 -1.21 -14.30 -18.19
C GLU A 120 -0.12 -13.56 -17.42
N LYS A 121 -0.16 -13.70 -16.10
CA LYS A 121 0.84 -13.10 -15.23
C LYS A 121 2.23 -13.68 -15.48
N GLN A 122 3.26 -12.85 -15.33
CA GLN A 122 4.65 -13.30 -15.46
C GLN A 122 5.20 -13.59 -14.06
N VAL A 123 4.73 -12.79 -13.12
CA VAL A 123 5.10 -12.91 -11.73
C VAL A 123 3.81 -12.67 -10.95
N GLU A 124 3.48 -13.58 -10.02
CA GLU A 124 2.25 -13.49 -9.23
C GLU A 124 2.63 -13.45 -7.75
N ILE A 125 2.61 -12.27 -7.14
CA ILE A 125 2.97 -12.12 -5.73
C ILE A 125 1.80 -12.51 -4.83
N TRP A 126 2.05 -13.38 -3.86
CA TRP A 126 0.99 -13.84 -2.95
C TRP A 126 0.75 -12.93 -1.72
N ASN A 127 1.79 -12.24 -1.28
CA ASN A 127 1.66 -11.37 -0.10
C ASN A 127 0.69 -10.23 -0.38
N HIS A 128 -0.07 -9.83 0.64
CA HIS A 128 -0.84 -8.60 0.55
C HIS A 128 0.06 -7.37 0.78
N GLN A 129 0.96 -7.46 1.76
CA GLN A 129 2.05 -6.48 1.90
C GLN A 129 3.37 -7.23 2.00
N LEU A 130 4.46 -6.61 1.51
CA LEU A 130 5.73 -7.34 1.56
C LEU A 130 6.13 -7.67 3.00
N ILE A 131 5.80 -6.77 3.92
CA ILE A 131 6.04 -7.00 5.33
C ILE A 131 4.69 -6.99 6.04
N ARG A 132 4.31 -8.14 6.61
CA ARG A 132 3.09 -8.28 7.39
C ARG A 132 3.20 -9.42 8.39
N TYR A 133 2.38 -9.40 9.44
CA TYR A 133 2.46 -10.43 10.49
C TYR A 133 1.53 -11.60 10.22
N ALA A 134 1.98 -12.81 10.59
CA ALA A 134 1.20 -14.03 10.44
C ALA A 134 0.01 -14.03 11.38
N GLY A 135 -0.97 -14.89 11.10
CA GLY A 135 -2.15 -15.02 11.95
C GLY A 135 -2.50 -16.49 12.08
N TYR A 136 -2.93 -16.92 13.26
CA TYR A 136 -3.25 -18.31 13.49
C TYR A 136 -4.56 -18.43 14.29
N GLU A 137 -5.28 -19.52 14.10
CA GLU A 137 -6.47 -19.79 14.91
C GLU A 137 -6.80 -21.25 14.80
N SER A 138 -6.75 -21.91 15.94
CA SER A 138 -7.06 -23.32 16.04
C SER A 138 -7.50 -23.47 17.48
N ASP A 139 -8.64 -24.10 17.71
CA ASP A 139 -9.16 -24.25 19.07
C ASP A 139 -9.39 -22.91 19.80
N GLY A 140 -10.07 -21.98 19.14
CA GLY A 140 -10.49 -20.74 19.78
C GLY A 140 -9.43 -19.77 20.28
N GLU A 141 -8.17 -20.19 20.33
CA GLU A 141 -7.11 -19.24 20.67
C GLU A 141 -6.55 -18.61 19.40
N ARG A 142 -6.59 -17.29 19.38
CA ARG A 142 -6.07 -16.50 18.27
C ARG A 142 -4.62 -16.07 18.59
N ILE A 143 -3.73 -16.20 17.61
CA ILE A 143 -2.37 -15.68 17.73
C ILE A 143 -2.08 -14.76 16.54
N GLY A 144 -1.50 -13.58 16.79
CA GLY A 144 -1.11 -12.73 15.68
C GLY A 144 -2.26 -12.02 14.98
N ASP A 145 -2.13 -11.79 13.67
CA ASP A 145 -3.02 -10.90 12.94
C ASP A 145 -4.07 -11.71 12.20
N PRO A 146 -5.33 -11.65 12.66
CA PRO A 146 -6.34 -12.50 12.00
C PRO A 146 -6.49 -12.20 10.52
N ALA A 147 -6.12 -10.99 10.08
CA ALA A 147 -6.26 -10.65 8.67
C ALA A 147 -5.33 -11.53 7.81
N SER A 148 -4.35 -12.16 8.46
CA SER A 148 -3.36 -12.98 7.74
C SER A 148 -3.58 -14.48 7.79
N CYS A 149 -4.68 -14.94 8.39
CA CYS A 149 -4.88 -16.36 8.59
C CYS A 149 -4.85 -17.20 7.32
N SER A 150 -5.52 -16.77 6.27
CA SER A 150 -5.59 -17.62 5.08
C SER A 150 -4.23 -17.69 4.36
N LEU A 151 -3.57 -16.54 4.23
CA LEU A 151 -2.21 -16.53 3.66
C LEU A 151 -1.25 -17.36 4.52
N THR A 152 -1.35 -17.21 5.83
CA THR A 152 -0.47 -17.96 6.74
C THR A 152 -0.64 -19.46 6.55
N ALA A 153 -1.90 -19.91 6.48
CA ALA A 153 -2.19 -21.33 6.26
C ALA A 153 -1.64 -21.78 4.90
N ALA A 154 -1.69 -20.90 3.91
CA ALA A 154 -1.15 -21.24 2.58
C ALA A 154 0.36 -21.38 2.62
N CYS A 155 1.02 -20.48 3.35
CA CYS A 155 2.48 -20.61 3.49
C CYS A 155 2.85 -21.91 4.20
N GLU A 156 2.18 -22.20 5.31
CA GLU A 156 2.53 -23.38 6.09
C GLU A 156 2.25 -24.66 5.35
N GLU A 157 1.28 -24.62 4.46
CA GLU A 157 1.00 -25.80 3.66
C GLU A 157 2.20 -26.11 2.74
N LEU A 158 2.93 -25.06 2.37
CA LEU A 158 4.10 -25.18 1.49
C LEU A 158 5.41 -25.35 2.26
N GLY A 159 5.32 -25.60 3.57
CA GLY A 159 6.49 -25.98 4.34
C GLY A 159 7.12 -24.87 5.19
N TRP A 160 6.63 -23.65 5.07
CA TRP A 160 6.99 -22.62 6.04
C TRP A 160 6.39 -22.97 7.40
N ARG A 161 7.06 -22.57 8.48
CA ARG A 161 6.53 -22.70 9.83
C ARG A 161 6.85 -21.42 10.63
N GLY A 162 5.82 -20.79 11.20
CA GLY A 162 6.03 -19.61 12.03
C GLY A 162 6.27 -19.99 13.48
N GLU A 163 6.94 -19.11 14.23
CA GLU A 163 7.23 -19.35 15.64
C GLU A 163 6.00 -19.17 16.53
N ARG A 164 4.93 -18.64 15.94
CA ARG A 164 3.68 -18.39 16.66
C ARG A 164 3.79 -17.40 17.84
N THR A 165 4.60 -16.36 17.64
CA THR A 165 4.45 -15.13 18.40
C THR A 165 3.30 -14.36 17.76
N ASP A 166 2.91 -13.26 18.40
CA ASP A 166 1.86 -12.41 17.84
C ASP A 166 2.38 -11.56 16.70
N PHE A 167 3.69 -11.63 16.42
CA PHE A 167 4.28 -10.81 15.36
C PHE A 167 5.27 -11.58 14.47
N ASP A 168 4.92 -12.80 14.05
CA ASP A 168 5.77 -13.52 13.11
C ASP A 168 5.80 -12.80 11.76
N LEU A 169 6.99 -12.50 11.24
CA LEU A 169 7.04 -11.93 9.89
C LEU A 169 6.76 -13.02 8.84
N LEU A 170 5.79 -12.80 7.98
CA LEU A 170 5.47 -13.78 6.94
C LEU A 170 6.62 -13.81 5.93
N PRO A 171 6.84 -14.95 5.26
CA PRO A 171 7.90 -14.93 4.24
C PRO A 171 7.38 -14.25 2.96
N LEU A 172 8.29 -13.80 2.11
CA LEU A 172 7.90 -13.40 0.75
C LEU A 172 7.46 -14.66 0.03
N ILE A 173 6.33 -14.57 -0.66
CA ILE A 173 5.82 -15.73 -1.38
C ILE A 173 5.22 -15.32 -2.72
N PHE A 174 5.72 -15.93 -3.79
CA PHE A 174 5.29 -15.57 -5.14
C PHE A 174 5.48 -16.72 -6.13
N ARG A 175 4.71 -16.67 -7.20
CA ARG A 175 4.79 -17.71 -8.22
C ARG A 175 5.25 -17.13 -9.57
N MET A 176 6.09 -17.89 -10.27
CA MET A 176 6.51 -17.53 -11.63
C MET A 176 5.64 -18.22 -12.67
N LYS A 177 5.42 -17.53 -13.78
CA LYS A 177 4.81 -18.15 -14.95
C LYS A 177 5.56 -19.45 -15.27
N GLY A 178 4.81 -20.54 -15.42
CA GLY A 178 5.43 -21.80 -15.81
C GLY A 178 5.67 -22.73 -14.65
N ASP A 179 5.52 -22.22 -13.44
CA ASP A 179 5.60 -23.02 -12.21
C ASP A 179 4.20 -23.25 -11.66
N GLU A 180 3.92 -24.46 -11.18
CA GLU A 180 2.63 -24.75 -10.55
C GLU A 180 2.57 -24.25 -9.09
N GLN A 181 3.71 -24.28 -8.41
CA GLN A 181 3.79 -23.86 -7.00
C GLN A 181 4.54 -22.55 -6.83
N PRO A 182 4.11 -21.70 -5.88
CA PRO A 182 4.93 -20.52 -5.61
C PRO A 182 6.19 -20.95 -4.85
N VAL A 183 7.15 -20.03 -4.67
CA VAL A 183 8.29 -20.27 -3.80
C VAL A 183 8.19 -19.28 -2.65
N TRP A 184 8.79 -19.59 -1.50
CA TRP A 184 8.84 -18.60 -0.42
C TRP A 184 10.24 -18.39 0.13
N TYR A 185 10.49 -17.19 0.66
CA TYR A 185 11.78 -16.85 1.26
C TYR A 185 11.53 -16.10 2.55
N GLU A 186 12.21 -16.54 3.61
CA GLU A 186 12.18 -15.90 4.92
C GLU A 186 12.68 -14.45 4.75
N LEU A 187 12.03 -13.50 5.42
CA LEU A 187 12.54 -12.11 5.41
C LEU A 187 13.74 -11.93 6.34
N PRO A 188 14.88 -11.47 5.80
CA PRO A 188 16.02 -11.13 6.66
C PRO A 188 15.61 -10.05 7.67
N ARG A 189 15.73 -10.32 8.97
CA ARG A 189 15.31 -9.38 10.00
C ARG A 189 16.04 -8.03 9.89
N SER A 190 17.29 -8.06 9.43
CA SER A 190 18.08 -6.84 9.26
C SER A 190 17.42 -5.84 8.29
N LEU A 191 16.50 -6.34 7.48
CA LEU A 191 15.85 -5.54 6.46
C LEU A 191 14.58 -4.87 7.01
N VAL A 192 14.04 -5.41 8.10
CA VAL A 192 12.70 -4.97 8.56
C VAL A 192 12.78 -4.09 9.80
N ILE A 193 12.46 -2.81 9.66
CA ILE A 193 12.39 -1.94 10.82
C ILE A 193 11.05 -2.10 11.54
N GLU A 194 11.11 -2.24 12.86
CA GLU A 194 9.89 -2.31 13.68
C GLU A 194 9.98 -1.26 14.79
N VAL A 195 8.83 -0.78 15.22
CA VAL A 195 8.77 0.22 16.28
C VAL A 195 8.01 -0.32 17.48
N PRO A 196 8.67 -0.39 18.65
CA PRO A 196 7.93 -0.75 19.87
C PRO A 196 7.05 0.42 20.31
N ILE A 197 5.83 0.12 20.74
CA ILE A 197 4.90 1.19 21.05
C ILE A 197 5.04 1.58 22.52
N THR A 198 5.42 2.83 22.77
CA THR A 198 5.41 3.36 24.13
C THR A 198 4.58 4.63 24.14
N HIS A 199 4.25 5.12 25.32
CA HIS A 199 3.41 6.31 25.45
C HIS A 199 4.31 7.41 26.00
N PRO A 200 4.07 8.67 25.59
CA PRO A 200 4.91 9.77 26.10
C PRO A 200 4.86 9.99 27.63
N ASP A 201 3.74 9.68 28.28
CA ASP A 201 3.58 10.00 29.71
C ASP A 201 3.35 8.75 30.56
N ILE A 202 2.73 7.74 29.95
CA ILE A 202 2.28 6.56 30.70
C ILE A 202 3.28 5.41 30.56
N GLU A 203 4.07 5.24 31.62
CA GLU A 203 5.19 4.30 31.63
C GLU A 203 4.69 2.89 31.42
N ALA A 204 3.53 2.58 31.99
CA ALA A 204 3.01 1.23 31.95
C ALA A 204 2.62 0.77 30.54
N PHE A 205 2.53 1.71 29.59
CA PHE A 205 2.08 1.36 28.24
C PHE A 205 2.98 0.28 27.62
N SER A 206 4.28 0.32 27.93
CA SER A 206 5.19 -0.70 27.42
C SER A 206 4.84 -2.13 27.87
N ASP A 207 4.03 -2.25 28.93
CA ASP A 207 3.61 -3.57 29.44
C ASP A 207 2.80 -4.34 28.40
N LEU A 208 2.16 -3.61 27.49
CA LEU A 208 1.32 -4.25 26.47
C LEU A 208 2.19 -4.96 25.43
N GLU A 209 3.47 -4.59 25.40
CA GLU A 209 4.40 -5.16 24.45
C GLU A 209 3.88 -5.10 23.00
N LEU A 210 3.36 -3.94 22.61
CA LEU A 210 2.88 -3.75 21.25
C LEU A 210 4.04 -3.29 20.36
N LYS A 211 4.01 -3.68 19.10
CA LYS A 211 4.91 -3.09 18.11
C LYS A 211 4.22 -3.12 16.76
N TRP A 212 4.81 -2.45 15.78
CA TRP A 212 4.33 -2.51 14.40
C TRP A 212 5.55 -2.34 13.49
N TYR A 213 5.36 -2.67 12.21
CA TYR A 213 6.44 -2.54 11.26
C TYR A 213 6.44 -1.14 10.65
N GLY A 214 7.60 -0.69 10.20
CA GLY A 214 7.73 0.68 9.75
C GLY A 214 7.05 1.01 8.45
N VAL A 215 7.08 0.08 7.50
CA VAL A 215 6.77 0.44 6.13
C VAL A 215 5.66 -0.40 5.52
N PRO A 216 4.50 0.23 5.21
CA PRO A 216 3.45 -0.57 4.55
C PRO A 216 3.72 -0.67 3.04
N ILE A 217 3.91 -1.87 2.51
CA ILE A 217 4.27 -2.02 1.11
C ILE A 217 3.24 -2.91 0.43
N ILE A 218 2.24 -2.30 -0.19
CA ILE A 218 1.10 -3.03 -0.77
C ILE A 218 1.55 -3.79 -1.99
N SER A 219 1.31 -5.10 -2.02
CA SER A 219 1.82 -5.92 -3.10
C SER A 219 0.73 -6.80 -3.73
N ASP A 220 -0.53 -6.43 -3.54
CA ASP A 220 -1.62 -7.21 -4.12
C ASP A 220 -2.54 -6.38 -5.02
N MET A 221 -2.03 -5.26 -5.51
CA MET A 221 -2.82 -4.44 -6.42
C MET A 221 -2.19 -4.38 -7.80
N LYS A 222 -3.02 -4.21 -8.82
CA LYS A 222 -2.55 -4.13 -10.19
C LYS A 222 -2.43 -2.67 -10.61
N LEU A 223 -1.27 -2.29 -11.15
CA LEU A 223 -1.10 -0.96 -11.73
C LEU A 223 -1.53 -1.00 -13.19
N GLU A 224 -2.53 -0.21 -13.55
CA GLU A 224 -2.96 -0.12 -14.94
C GLU A 224 -2.55 1.21 -15.59
N VAL A 225 -1.82 1.11 -16.71
CA VAL A 225 -1.30 2.29 -17.40
C VAL A 225 -1.47 2.11 -18.89
N GLY A 226 -2.37 2.89 -19.50
CA GLY A 226 -2.55 2.84 -20.94
C GLY A 226 -2.86 1.46 -21.49
N GLY A 227 -3.70 0.73 -20.75
CA GLY A 227 -4.16 -0.58 -21.19
C GLY A 227 -3.20 -1.73 -20.88
N ILE A 228 -2.03 -1.42 -20.32
CA ILE A 228 -1.09 -2.45 -19.89
C ILE A 228 -1.34 -2.75 -18.41
N HIS A 229 -1.39 -4.04 -18.07
CA HIS A 229 -1.73 -4.44 -16.70
C HIS A 229 -0.50 -4.96 -15.94
N TYR A 230 0.04 -4.13 -15.07
CA TYR A 230 1.17 -4.54 -14.25
C TYR A 230 0.64 -5.11 -12.94
N ASN A 231 0.38 -6.42 -12.92
CA ASN A 231 -0.26 -7.04 -11.75
C ASN A 231 0.69 -7.12 -10.57
N ALA A 232 1.99 -7.10 -10.86
CA ALA A 232 3.01 -7.20 -9.83
C ALA A 232 3.80 -5.90 -9.83
N ALA A 233 3.45 -5.03 -8.89
CA ALA A 233 4.03 -3.71 -8.83
C ALA A 233 3.84 -3.17 -7.42
N PRO A 234 4.57 -3.73 -6.45
CA PRO A 234 4.38 -3.31 -5.05
C PRO A 234 4.78 -1.86 -4.84
N PHE A 235 4.03 -1.16 -3.99
CA PHE A 235 4.30 0.26 -3.72
C PHE A 235 4.14 0.58 -2.25
N ASN A 236 4.83 1.61 -1.76
CA ASN A 236 4.73 2.01 -0.36
C ASN A 236 4.71 3.51 -0.17
N GLY A 237 4.16 3.92 0.96
CA GLY A 237 4.36 5.26 1.50
C GLY A 237 4.89 5.11 2.91
N TRP A 238 4.59 6.10 3.77
CA TRP A 238 4.79 5.96 5.21
C TRP A 238 3.39 5.88 5.76
N TYR A 239 3.25 5.45 7.01
CA TYR A 239 1.93 5.27 7.59
C TYR A 239 1.34 6.60 8.02
N MET A 240 0.01 6.69 8.00
CA MET A 240 -0.70 7.68 8.79
C MET A 240 -1.02 6.98 10.12
N GLY A 241 -0.80 7.65 11.24
CA GLY A 241 -0.86 6.99 12.55
C GLY A 241 -2.13 6.19 12.83
N THR A 242 -3.27 6.73 12.41
CA THR A 242 -4.55 6.07 12.65
C THR A 242 -4.64 4.69 12.01
N GLU A 243 -3.85 4.45 10.95
CA GLU A 243 -3.94 3.14 10.31
C GLU A 243 -3.50 2.07 11.29
N ILE A 244 -2.52 2.43 12.12
CA ILE A 244 -1.97 1.49 13.08
C ILE A 244 -2.79 1.56 14.36
N GLY A 245 -2.95 2.77 14.89
CA GLY A 245 -3.61 2.96 16.18
C GLY A 245 -5.12 2.76 16.23
N ALA A 246 -5.81 3.03 15.14
CA ALA A 246 -7.27 3.04 15.24
C ALA A 246 -7.83 1.85 14.53
N ARG A 247 -6.97 1.09 13.85
CA ARG A 247 -7.46 -0.03 13.05
C ARG A 247 -6.67 -1.31 13.28
N ASN A 248 -5.42 -1.33 12.83
CA ASN A 248 -4.62 -2.55 12.93
C ASN A 248 -4.55 -3.05 14.39
N LEU A 249 -4.31 -2.15 15.32
CA LEU A 249 -4.17 -2.58 16.71
C LEU A 249 -5.50 -2.57 17.44
N ALA A 250 -6.49 -1.84 16.90
CA ALA A 250 -7.77 -1.66 17.61
C ALA A 250 -8.98 -2.48 17.18
N ASP A 251 -9.10 -2.78 15.88
CA ASP A 251 -10.28 -3.45 15.35
C ASP A 251 -10.47 -4.76 16.10
N GLU A 252 -11.71 -5.10 16.43
CA GLU A 252 -12.00 -6.38 17.09
C GLU A 252 -11.54 -7.57 16.26
N LYS A 253 -11.58 -7.41 14.94
CA LYS A 253 -11.16 -8.47 14.03
C LYS A 253 -9.67 -8.40 13.70
N ARG A 254 -8.95 -7.47 14.33
CA ARG A 254 -7.50 -7.42 14.18
C ARG A 254 -6.84 -7.72 15.53
N TYR A 255 -5.98 -6.85 16.04
CA TYR A 255 -5.32 -7.12 17.32
C TYR A 255 -6.19 -6.86 18.55
N ASP A 256 -7.28 -6.12 18.36
CA ASP A 256 -8.31 -5.97 19.40
C ASP A 256 -7.75 -5.54 20.77
N LYS A 257 -6.99 -4.45 20.79
CA LYS A 257 -6.27 -4.07 22.01
C LYS A 257 -6.94 -3.02 22.91
N LEU A 258 -8.15 -2.56 22.58
CA LEU A 258 -8.69 -1.43 23.32
C LEU A 258 -8.92 -1.69 24.82
N LYS A 259 -9.42 -2.89 25.17
CA LYS A 259 -9.63 -3.19 26.59
C LYS A 259 -8.31 -3.19 27.35
N LYS A 260 -7.27 -3.74 26.74
CA LYS A 260 -5.97 -3.78 27.40
C LYS A 260 -5.39 -2.37 27.51
N VAL A 261 -5.64 -1.55 26.50
CA VAL A 261 -5.20 -0.17 26.54
C VAL A 261 -5.93 0.58 27.66
N ALA A 262 -7.23 0.37 27.76
CA ALA A 262 -8.02 1.04 28.79
C ALA A 262 -7.44 0.72 30.15
N SER A 263 -7.09 -0.54 30.35
CA SER A 263 -6.58 -0.96 31.65
C SER A 263 -5.24 -0.32 32.00
N VAL A 264 -4.28 -0.30 31.05
CA VAL A 264 -2.97 0.32 31.37
C VAL A 264 -3.02 1.82 31.54
N ILE A 265 -3.99 2.48 30.91
CA ILE A 265 -4.14 3.91 31.10
C ILE A 265 -5.01 4.22 32.32
N GLY A 266 -5.41 3.18 33.05
CA GLY A 266 -6.08 3.35 34.32
C GLY A 266 -7.54 3.78 34.29
N ILE A 267 -8.27 3.43 33.23
CA ILE A 267 -9.71 3.73 33.18
C ILE A 267 -10.55 2.46 33.10
N ALA A 268 -11.79 2.51 33.60
CA ALA A 268 -12.67 1.34 33.56
C ALA A 268 -13.19 1.12 32.14
N ALA A 269 -13.44 -0.14 31.76
CA ALA A 269 -13.97 -0.44 30.43
C ALA A 269 -15.36 -1.07 30.56
N ASP A 270 -16.22 -0.43 31.35
CA ASP A 270 -17.51 -0.99 31.74
C ASP A 270 -18.74 -0.25 31.19
N TYR A 271 -18.62 1.05 30.95
CA TYR A 271 -19.81 1.85 30.60
C TYR A 271 -19.62 2.59 29.28
N ASN A 272 -20.54 2.39 28.34
CA ASN A 272 -20.45 3.08 27.05
C ASN A 272 -20.35 4.59 27.26
N THR A 273 -21.13 5.11 28.22
CA THR A 273 -21.19 6.55 28.49
C THR A 273 -19.86 7.16 29.01
N ASP A 274 -18.93 6.32 29.49
CA ASP A 274 -17.62 6.81 29.92
C ASP A 274 -16.71 7.12 28.72
N LEU A 275 -17.16 6.70 27.53
CA LEU A 275 -16.37 6.83 26.30
C LEU A 275 -14.95 6.28 26.49
N TRP A 276 -14.85 5.14 27.14
CA TRP A 276 -13.53 4.51 27.36
C TRP A 276 -12.91 4.04 26.07
N LYS A 277 -13.71 3.58 25.11
CA LYS A 277 -13.10 3.18 23.84
C LYS A 277 -12.48 4.38 23.12
N ASP A 278 -13.19 5.49 23.15
CA ASP A 278 -12.71 6.69 22.47
C ASP A 278 -11.44 7.20 23.10
N GLN A 279 -11.38 7.12 24.43
CA GLN A 279 -10.24 7.61 25.19
C GLN A 279 -9.04 6.70 24.99
N ALA A 280 -9.28 5.40 25.06
CA ALA A 280 -8.22 4.42 24.78
C ALA A 280 -7.67 4.62 23.36
N LEU A 281 -8.58 4.77 22.40
CA LEU A 281 -8.20 5.05 21.01
C LEU A 281 -7.30 6.27 20.89
N VAL A 282 -7.65 7.35 21.58
CA VAL A 282 -6.81 8.53 21.54
C VAL A 282 -5.41 8.29 22.15
N GLU A 283 -5.34 7.69 23.33
CA GLU A 283 -4.02 7.43 23.92
C GLU A 283 -3.20 6.46 23.12
N LEU A 284 -3.83 5.42 22.56
CA LEU A 284 -3.10 4.47 21.70
C LEU A 284 -2.54 5.18 20.47
N ASN A 285 -3.35 6.05 19.89
CA ASN A 285 -2.91 6.81 18.73
C ASN A 285 -1.82 7.84 19.03
N LYS A 286 -1.87 8.42 20.24
CA LYS A 286 -0.78 9.30 20.64
C LYS A 286 0.51 8.50 20.78
N ALA A 287 0.38 7.29 21.33
CA ALA A 287 1.55 6.44 21.56
C ALA A 287 2.19 6.03 20.25
N VAL A 288 1.37 5.66 19.27
CA VAL A 288 1.90 5.27 17.98
C VAL A 288 2.72 6.40 17.32
N LEU A 289 2.17 7.61 17.35
CA LEU A 289 2.88 8.72 16.73
C LEU A 289 4.16 9.03 17.47
N HIS A 290 4.09 9.02 18.80
CA HIS A 290 5.25 9.29 19.63
C HIS A 290 6.35 8.25 19.38
N SER A 291 5.95 6.98 19.28
CA SER A 291 6.93 5.92 19.15
C SER A 291 7.70 5.98 17.81
N TYR A 292 6.97 6.22 16.72
CA TYR A 292 7.61 6.35 15.41
C TYR A 292 8.56 7.54 15.35
N LYS A 293 8.12 8.67 15.90
CA LYS A 293 8.94 9.88 15.92
C LYS A 293 10.21 9.62 16.74
N LYS A 294 10.04 9.06 17.92
CA LYS A 294 11.18 8.74 18.77
C LYS A 294 12.22 7.87 18.05
N GLN A 295 11.77 6.93 17.23
CA GLN A 295 12.71 6.03 16.55
C GLN A 295 13.22 6.60 15.23
N GLY A 296 12.68 7.75 14.82
CA GLY A 296 13.12 8.37 13.59
C GLY A 296 12.60 7.64 12.36
N VAL A 297 11.42 7.06 12.50
CA VAL A 297 10.73 6.42 11.39
C VAL A 297 9.59 7.33 10.96
N SER A 298 9.55 7.65 9.67
CA SER A 298 8.52 8.54 9.09
C SER A 298 7.09 8.09 9.41
N ILE A 299 6.23 9.05 9.72
CA ILE A 299 4.83 8.75 9.98
C ILE A 299 4.15 10.11 9.85
N VAL A 300 2.83 10.15 9.67
CA VAL A 300 2.11 11.41 9.63
C VAL A 300 0.84 11.26 10.48
N ASP A 301 0.48 12.30 11.22
CA ASP A 301 -0.77 12.26 11.98
C ASP A 301 -1.93 12.67 11.05
N HIS A 302 -3.18 12.39 11.42
CA HIS A 302 -4.28 12.60 10.48
C HIS A 302 -4.59 14.08 10.25
N HIS A 303 -4.28 14.92 11.21
CA HIS A 303 -4.49 16.37 11.02
C HIS A 303 -3.55 16.95 9.98
N THR A 304 -2.26 16.62 10.11
CA THR A 304 -1.25 17.08 9.17
C THR A 304 -1.56 16.49 7.80
N ALA A 305 -1.86 15.20 7.76
CA ALA A 305 -2.20 14.55 6.49
C ALA A 305 -3.39 15.23 5.81
N ALA A 306 -4.41 15.62 6.56
CA ALA A 306 -5.56 16.24 5.92
C ALA A 306 -5.21 17.63 5.40
N SER A 307 -4.32 18.33 6.12
CA SER A 307 -3.84 19.63 5.65
C SER A 307 -3.06 19.50 4.34
N GLN A 308 -2.25 18.45 4.25
CA GLN A 308 -1.52 18.17 3.01
C GLN A 308 -2.51 17.90 1.88
N PHE A 309 -3.58 17.16 2.19
CA PHE A 309 -4.55 16.81 1.17
C PHE A 309 -5.32 18.03 0.66
N LYS A 310 -5.61 18.97 1.56
CA LYS A 310 -6.19 20.25 1.17
C LYS A 310 -5.30 20.88 0.08
N ARG A 311 -4.00 20.81 0.28
CA ARG A 311 -3.09 21.39 -0.70
C ARG A 311 -3.13 20.62 -2.02
N PHE A 312 -3.24 19.29 -1.94
CA PHE A 312 -3.45 18.46 -3.14
C PHE A 312 -4.69 18.93 -3.91
N GLU A 313 -5.80 19.20 -3.19
CA GLU A 313 -7.00 19.73 -3.82
C GLU A 313 -6.71 21.04 -4.52
N GLU A 314 -6.01 21.94 -3.83
CA GLU A 314 -5.73 23.27 -4.39
C GLU A 314 -4.81 23.19 -5.60
N GLN A 315 -3.85 22.28 -5.52
CA GLN A 315 -2.92 22.06 -6.63
C GLN A 315 -3.65 21.50 -7.86
N ALA A 316 -4.59 20.59 -7.64
CA ALA A 316 -5.39 20.03 -8.72
C ALA A 316 -6.16 21.13 -9.44
N GLU A 317 -6.86 21.95 -8.68
CA GLU A 317 -7.63 23.05 -9.25
C GLU A 317 -6.74 23.98 -10.07
N GLU A 318 -5.55 24.30 -9.57
CA GLU A 318 -4.70 25.25 -10.29
C GLU A 318 -4.03 24.65 -11.54
N ALA A 319 -3.99 23.33 -11.60
CA ALA A 319 -3.49 22.64 -12.80
C ALA A 319 -4.64 22.36 -13.77
N GLY A 320 -5.86 22.69 -13.37
CA GLY A 320 -7.02 22.43 -14.21
C GLY A 320 -7.43 20.97 -14.28
N ARG A 321 -7.04 20.17 -13.29
CA ARG A 321 -7.40 18.75 -13.25
C ARG A 321 -8.59 18.55 -12.34
N LYS A 322 -9.57 17.78 -12.81
CA LYS A 322 -10.68 17.40 -11.94
C LYS A 322 -10.11 16.64 -10.74
N LEU A 323 -10.72 16.84 -9.57
CA LEU A 323 -10.32 16.10 -8.38
C LEU A 323 -11.27 14.92 -8.22
N THR A 324 -10.73 13.74 -7.93
CA THR A 324 -11.58 12.63 -7.51
C THR A 324 -11.19 12.11 -6.12
N GLY A 325 -12.16 11.56 -5.40
CA GLY A 325 -11.92 11.05 -4.06
C GLY A 325 -13.07 10.22 -3.56
N ASP A 326 -12.78 9.36 -2.59
CA ASP A 326 -13.77 8.54 -1.94
C ASP A 326 -13.87 9.06 -0.50
N TRP A 327 -14.86 9.91 -0.24
CA TRP A 327 -15.03 10.49 1.09
C TRP A 327 -14.99 9.43 2.19
N THR A 328 -15.56 8.24 1.92
CA THR A 328 -15.67 7.21 2.98
C THR A 328 -14.32 6.67 3.42
N TRP A 329 -13.31 6.79 2.56
CA TRP A 329 -11.95 6.37 2.91
C TRP A 329 -11.03 7.51 3.31
N LEU A 330 -11.32 8.70 2.79
CA LEU A 330 -10.48 9.89 3.04
C LEU A 330 -10.63 10.41 4.47
N ILE A 331 -11.86 10.40 5.02
CA ILE A 331 -11.99 10.83 6.41
C ILE A 331 -11.20 9.87 7.31
N PRO A 332 -10.44 10.43 8.28
CA PRO A 332 -9.75 9.55 9.24
C PRO A 332 -10.71 8.90 10.21
N PRO A 333 -10.35 7.72 10.76
CA PRO A 333 -11.27 7.02 11.67
C PRO A 333 -11.23 7.58 13.09
N ILE A 334 -10.43 8.59 13.39
CA ILE A 334 -10.66 9.28 14.65
C ILE A 334 -10.79 10.80 14.43
N SER A 335 -11.69 11.42 15.18
CA SER A 335 -12.06 12.84 14.95
C SER A 335 -12.21 13.26 13.48
N PRO A 336 -12.96 12.48 12.66
CA PRO A 336 -13.08 12.90 11.25
C PRO A 336 -13.61 14.33 11.06
N ALA A 337 -14.54 14.76 11.90
CA ALA A 337 -15.11 16.09 11.73
C ALA A 337 -14.16 17.22 12.13
N ALA A 338 -13.01 16.87 12.68
CA ALA A 338 -11.98 17.90 12.91
C ALA A 338 -11.11 18.14 11.65
N THR A 339 -11.40 17.45 10.55
CA THR A 339 -10.66 17.69 9.31
C THR A 339 -11.57 18.36 8.31
N HIS A 340 -11.01 19.09 7.33
CA HIS A 340 -11.84 19.73 6.30
C HIS A 340 -12.52 18.71 5.40
N ILE A 341 -11.90 17.54 5.23
CA ILE A 341 -12.44 16.47 4.41
C ILE A 341 -13.91 16.13 4.74
N PHE A 342 -14.19 15.97 6.03
CA PHE A 342 -15.52 15.63 6.54
C PHE A 342 -16.57 16.60 6.03
N HIS A 343 -16.20 17.87 5.90
CA HIS A 343 -17.20 18.90 5.61
C HIS A 343 -17.38 19.21 4.12
N ARG A 344 -16.72 18.46 3.25
CA ARG A 344 -16.99 18.61 1.81
C ARG A 344 -17.34 17.27 1.17
N SER A 345 -17.66 17.29 -0.12
CA SER A 345 -17.95 16.03 -0.81
C SER A 345 -16.91 15.82 -1.91
N TYR A 346 -16.82 14.60 -2.41
CA TYR A 346 -15.82 14.30 -3.45
C TYR A 346 -16.46 13.44 -4.52
N ASP A 347 -16.06 13.69 -5.76
CA ASP A 347 -16.50 12.90 -6.90
C ASP A 347 -15.73 11.58 -6.92
N ASN A 348 -16.44 10.46 -6.77
CA ASN A 348 -15.78 9.15 -6.71
C ASN A 348 -15.55 8.47 -8.08
N SER A 349 -15.46 9.25 -9.15
CA SER A 349 -15.25 8.65 -10.48
C SER A 349 -13.88 7.99 -10.59
N ILE A 350 -13.80 6.91 -11.36
CA ILE A 350 -12.53 6.22 -11.56
C ILE A 350 -11.81 6.81 -12.78
N VAL A 351 -10.57 7.24 -12.61
CA VAL A 351 -9.77 7.81 -13.69
C VAL A 351 -8.50 6.98 -13.79
N LYS A 352 -8.10 6.63 -15.01
CA LYS A 352 -6.89 5.83 -15.19
C LYS A 352 -5.79 6.72 -15.76
N PRO A 353 -4.51 6.36 -15.52
CA PRO A 353 -3.95 5.21 -14.77
C PRO A 353 -4.39 5.14 -13.32
N ASN A 354 -4.41 3.94 -12.75
CA ASN A 354 -4.87 3.77 -11.38
C ASN A 354 -4.41 2.41 -10.86
N TYR A 355 -4.56 2.19 -9.56
CA TYR A 355 -4.28 0.90 -8.91
C TYR A 355 -5.60 0.17 -8.61
N PHE A 356 -5.64 -1.13 -8.87
CA PHE A 356 -6.88 -1.89 -8.76
C PHE A 356 -6.67 -3.17 -7.97
N TYR A 357 -7.66 -3.56 -7.19
CA TYR A 357 -7.58 -4.84 -6.48
C TYR A 357 -7.64 -5.99 -7.50
N GLN A 358 -6.99 -7.11 -7.19
CA GLN A 358 -7.14 -8.31 -8.01
C GLN A 358 -7.37 -9.56 -7.14
N ASP A 359 -7.96 -10.60 -7.72
CA ASP A 359 -8.15 -11.85 -6.98
C ASP A 359 -6.82 -12.45 -6.52
N LYS A 360 -6.81 -13.02 -5.32
CA LYS A 360 -5.65 -13.74 -4.83
C LYS A 360 -5.79 -15.23 -5.16
N PRO A 361 -4.66 -15.93 -5.36
CA PRO A 361 -4.71 -17.36 -5.75
C PRO A 361 -5.27 -18.29 -4.67
N TYR A 362 -4.69 -18.26 -3.46
CA TYR A 362 -5.38 -18.80 -2.29
C TYR A 362 -6.61 -17.91 -2.10
N GLU A 363 -7.52 -18.26 -1.19
CA GLU A 363 -8.79 -17.53 -1.09
C GLU A 363 -9.58 -17.67 -2.39
CHA HEM B . -4.98 4.27 0.65
CHB HEM B . -2.14 7.24 3.24
CHC HEM B . 1.37 6.78 -0.15
CHD HEM B . -1.81 4.51 -3.05
C1A HEM B . -4.43 5.02 1.65
C2A HEM B . -5.04 5.14 2.93
C3A HEM B . -4.24 5.96 3.65
C4A HEM B . -3.13 6.36 2.83
CMA HEM B . -4.47 6.38 5.09
CAA HEM B . -6.31 4.44 3.43
CBA HEM B . -5.86 3.02 3.76
CGA HEM B . -6.76 2.13 4.58
O1A HEM B . -7.66 2.61 5.32
O2A HEM B . -6.58 0.89 4.54
C1B HEM B . -0.92 7.32 2.55
C2B HEM B . 0.24 7.93 3.10
C3B HEM B . 1.25 7.81 2.18
C4B HEM B . 0.65 7.12 1.01
CMB HEM B . 0.40 8.58 4.46
CAB HEM B . 2.64 8.32 2.40
CBB HEM B . 3.48 8.66 1.40
C1C HEM B . 0.84 6.07 -1.23
C2C HEM B . 1.53 5.67 -2.39
C3C HEM B . 0.61 5.02 -3.23
C4C HEM B . -0.66 5.05 -2.54
CMC HEM B . 3.00 5.91 -2.64
CAC HEM B . 0.81 4.41 -4.58
CBC HEM B . 1.82 4.73 -5.41
C1D HEM B . -2.89 4.25 -2.20
C2D HEM B . -3.99 3.34 -2.63
C3D HEM B . -4.86 3.28 -1.61
C4D HEM B . -4.30 4.13 -0.55
CMD HEM B . -4.14 2.61 -3.94
CAD HEM B . -6.15 2.46 -1.59
CBD HEM B . -5.82 1.03 -1.10
CGD HEM B . -7.04 0.12 -1.06
O1D HEM B . -7.04 -0.83 -0.24
O2D HEM B . -8.01 0.25 -1.83
NA HEM B . -3.28 5.82 1.58
NB HEM B . -0.65 6.84 1.33
NC HEM B . -0.48 5.70 -1.35
ND HEM B . -3.11 4.68 -0.92
FE HEM B . -2.02 5.93 0.03
N1 H4B C . -11.77 4.01 5.29
C2 H4B C . -10.47 3.61 5.36
N2 H4B C . -9.49 4.56 5.37
N3 H4B C . -10.14 2.30 5.40
C4 H4B C . -11.05 1.31 5.37
O4 H4B C . -10.68 0.10 5.42
C4A H4B C . -12.48 1.68 5.31
C8A H4B C . -12.80 3.12 5.27
N5 H4B C . -13.49 0.77 5.29
N8 H4B C . -14.09 3.53 5.19
C6 H4B C . -14.77 1.17 4.71
C7 H4B C . -15.17 2.55 5.19
C9 H4B C . -15.82 0.12 5.07
O9 H4B C . -16.18 0.29 6.45
C10 H4B C . -17.08 0.12 4.17
C11 H4B C . -16.66 -0.06 2.70
O10 H4B C . -17.91 1.28 4.30
CL CL D . -1.71 -1.62 7.14
N22 Q16 E . -9.41 -2.00 -2.75
C22 Q16 E . -9.48 -3.02 -1.87
C23 Q16 E . -10.19 -4.18 -2.23
C24 Q16 E . -10.26 -5.23 -1.32
C27 Q16 E . -10.99 -6.50 -1.66
C25 Q16 E . -9.64 -5.11 -0.08
N21 Q16 E . -8.89 -2.92 -0.65
C26 Q16 E . -8.94 -3.95 0.23
C12 Q16 E . -8.30 -3.87 1.61
O11 Q16 E . -6.91 -3.58 1.59
C2' Q16 E . -4.70 -1.59 2.27
C5' Q16 E . -7.01 -1.59 2.93
N1' Q16 E . -5.94 -0.79 2.27
C3' Q16 E . -5.04 -2.90 2.97
C10 Q16 E . -3.63 -0.86 3.06
C4' Q16 E . -6.54 -3.03 2.87
O09 Q16 E . -3.29 0.31 2.34
C08 Q16 E . -2.95 1.34 3.24
C06 Q16 E . -1.76 2.16 2.79
N01 Q16 E . -1.33 3.06 3.69
C02 Q16 E . -0.28 3.87 3.43
N02 Q16 E . 0.07 4.72 4.43
C03 Q16 E . 0.41 3.76 2.22
C04 Q16 E . -0.01 2.83 1.28
C05 Q16 E . -1.11 2.00 1.55
C07 Q16 E . 0.71 2.72 -0.04
C1 GOL F . 7.41 14.03 7.04
O1 GOL F . 8.68 14.12 6.39
C2 GOL F . 6.84 12.63 6.87
O2 GOL F . 5.47 12.62 7.32
C3 GOL F . 7.68 11.65 7.64
O3 GOL F . 7.84 11.91 9.05
O POL G . -3.06 -10.43 20.21
C1 POL G . -4.46 -10.38 19.93
C2 POL G . -4.72 -11.17 18.66
C3 POL G . -6.20 -11.38 18.50
#